data_7UUI
#
_entry.id   7UUI
#
_cell.length_a   1.00
_cell.length_b   1.00
_cell.length_c   1.00
_cell.angle_alpha   90.00
_cell.angle_beta   90.00
_cell.angle_gamma   90.00
#
_symmetry.space_group_name_H-M   'P 1'
#
loop_
_entity.id
_entity.type
_entity.pdbx_description
1 polymer 'Nucleolar GTP-binding protein 2'
2 non-polymer 'MAGNESIUM ION'
3 non-polymer 'POTASSIUM ION'
4 non-polymer "GUANOSINE-5'-DIPHOSPHATE"
#
_entity_poly.entity_id   1
_entity_poly.type   'polypeptide(L)'
_entity_poly.pdbx_seq_one_letter_code
;MGTGKKEKSRRIREGDTKDGNLRVKGENFYRDSKRVKFLNMYTSGKEIRNKKGNLIRAASFQDSTIPDARVQPDRRWFGN
TRVISQDALQHFRSALGETQKDTYQVLLRRNKLPMSLLEEKDADESPKARILDTESYADAFGPKAQRKRPRLAASNLEDL
VKATNEDITKYEEKQVLDATLGLMGNQEDKENGWTSAAKEAIFSKGQSKRIWNELYKVIDSSDVVIHVLDARDPLGTRCK
SVEEYMKKETPHKHLIYVLNKCDLVPTWVAAAWVKHLSKERPTLAFHASITNSFGKGSLIQLLRQFSQLHTDRKQISVGF
IGYPNTGKSSIINTLRKKKVCQVAPIPGETKVWQYITLMKRIFLIDCPGIVPPSSKDSEEDILFRGVVRVEHVTHPEQYI
PGVLKRCQVKHLERTYEISGWKDATEFIEILARKQGRLLKGGEPDESGVSKQILNDFNRGKIPWFVLPPEKEGEEKPKKK
EVEKTA
;
_entity_poly.pdbx_strand_id   m
#
# COMPACT_ATOMS: atom_id res chain seq x y z
N GLY A 2 -38.05 -46.70 8.08
CA GLY A 2 -37.56 -45.44 7.56
C GLY A 2 -38.56 -44.74 6.67
N THR A 3 -39.85 -44.99 6.95
CA THR A 3 -40.91 -44.36 6.18
C THR A 3 -40.94 -42.86 6.38
N GLY A 4 -40.65 -42.41 7.61
CA GLY A 4 -40.70 -40.98 7.90
C GLY A 4 -39.61 -40.17 7.22
N LYS A 5 -38.53 -40.81 6.80
CA LYS A 5 -37.44 -40.12 6.12
C LYS A 5 -37.62 -40.05 4.62
N LYS A 6 -38.72 -40.58 4.08
CA LYS A 6 -38.99 -40.47 2.66
C LYS A 6 -39.25 -39.02 2.27
N GLU A 7 -38.86 -38.67 1.05
CA GLU A 7 -38.97 -37.28 0.60
C GLU A 7 -40.43 -36.85 0.49
N LYS A 8 -41.33 -37.76 0.11
CA LYS A 8 -42.75 -37.42 0.11
C LYS A 8 -43.24 -37.13 1.51
N SER A 9 -42.85 -37.97 2.48
CA SER A 9 -43.23 -37.74 3.87
C SER A 9 -42.64 -36.44 4.41
N ARG A 10 -41.39 -36.15 4.05
CA ARG A 10 -40.76 -34.90 4.47
C ARG A 10 -41.50 -33.70 3.89
N ARG A 11 -41.87 -33.77 2.61
CA ARG A 11 -42.61 -32.68 1.99
C ARG A 11 -43.97 -32.48 2.66
N ILE A 12 -44.63 -33.57 3.02
CA ILE A 12 -45.89 -33.46 3.76
C ILE A 12 -45.64 -32.82 5.13
N ARG A 13 -44.51 -33.15 5.76
CA ARG A 13 -44.22 -32.60 7.08
C ARG A 13 -43.85 -31.12 7.01
N GLU A 14 -43.12 -30.72 5.96
CA GLU A 14 -42.68 -29.34 5.82
C GLU A 14 -43.61 -28.54 4.91
N VAL A 24 -36.99 -28.48 -7.20
CA VAL A 24 -36.55 -28.99 -8.49
C VAL A 24 -35.75 -30.27 -8.30
N LYS A 25 -35.18 -30.77 -9.40
CA LYS A 25 -34.36 -31.97 -9.34
C LYS A 25 -33.16 -31.76 -8.42
N GLY A 26 -32.93 -32.72 -7.52
CA GLY A 26 -31.86 -32.63 -6.55
C GLY A 26 -32.23 -32.03 -5.21
N GLU A 27 -33.49 -31.63 -5.03
CA GLU A 27 -33.90 -31.08 -3.75
C GLU A 27 -34.06 -32.18 -2.71
N ASN A 28 -33.57 -31.92 -1.51
CA ASN A 28 -33.63 -32.90 -0.42
C ASN A 28 -33.74 -32.13 0.89
N PHE A 29 -33.46 -32.82 2.01
CA PHE A 29 -33.58 -32.20 3.32
C PHE A 29 -32.55 -31.08 3.49
N TYR A 30 -31.37 -31.24 2.89
CA TYR A 30 -30.29 -30.28 3.11
C TYR A 30 -30.30 -29.12 2.13
N ARG A 31 -31.13 -29.17 1.09
CA ARG A 31 -31.16 -28.12 0.08
C ARG A 31 -32.58 -27.91 -0.42
N ASP A 32 -32.98 -26.64 -0.53
CA ASP A 32 -34.22 -26.30 -1.21
C ASP A 32 -33.92 -25.96 -2.67
N SER A 33 -34.98 -25.64 -3.42
CA SER A 33 -34.81 -25.45 -4.87
C SER A 33 -33.87 -24.30 -5.18
N LYS A 34 -33.98 -23.19 -4.44
CA LYS A 34 -33.10 -22.06 -4.67
C LYS A 34 -31.64 -22.42 -4.43
N ARG A 35 -31.37 -23.16 -3.35
CA ARG A 35 -30.01 -23.60 -3.06
C ARG A 35 -29.48 -24.53 -4.14
N VAL A 36 -30.33 -25.45 -4.63
CA VAL A 36 -29.91 -26.36 -5.68
C VAL A 36 -29.57 -25.60 -6.96
N LYS A 37 -30.43 -24.64 -7.33
CA LYS A 37 -30.19 -23.86 -8.53
C LYS A 37 -28.92 -23.02 -8.40
N PHE A 38 -28.66 -22.48 -7.22
CA PHE A 38 -27.42 -21.73 -7.02
C PHE A 38 -26.20 -22.62 -7.11
N LEU A 39 -26.25 -23.79 -6.46
CA LEU A 39 -25.07 -24.67 -6.43
C LEU A 39 -24.83 -25.36 -7.76
N ASN A 40 -25.84 -25.43 -8.64
CA ASN A 40 -25.62 -25.99 -9.97
C ASN A 40 -24.79 -25.08 -10.87
N MET A 41 -24.53 -23.84 -10.45
CA MET A 41 -23.73 -22.92 -11.26
C MET A 41 -22.30 -23.42 -11.45
N TYR A 42 -21.71 -23.99 -10.39
CA TYR A 42 -20.31 -24.38 -10.44
C TYR A 42 -20.05 -25.54 -11.39
N THR A 43 -21.09 -26.22 -11.88
CA THR A 43 -20.95 -27.29 -12.85
C THR A 43 -21.74 -27.03 -14.12
N SER A 44 -22.06 -25.77 -14.40
CA SER A 44 -22.81 -25.38 -15.58
C SER A 44 -21.86 -24.77 -16.62
N GLY A 45 -22.43 -24.24 -17.70
CA GLY A 45 -21.64 -23.61 -18.73
C GLY A 45 -21.11 -24.54 -19.80
N LYS A 46 -21.67 -25.73 -19.94
CA LYS A 46 -21.21 -26.72 -20.89
C LYS A 46 -22.27 -26.91 -21.98
N GLU A 47 -21.81 -26.98 -23.23
CA GLU A 47 -22.71 -27.18 -24.35
C GLU A 47 -23.18 -28.63 -24.43
N ILE A 48 -24.26 -28.84 -25.18
CA ILE A 48 -24.90 -30.15 -25.31
C ILE A 48 -24.68 -30.63 -26.74
N ARG A 49 -24.19 -31.87 -26.86
CA ARG A 49 -23.96 -32.51 -28.14
C ARG A 49 -24.63 -33.88 -28.14
N ASN A 50 -25.04 -34.34 -29.31
CA ASN A 50 -25.64 -35.65 -29.44
C ASN A 50 -24.68 -36.61 -30.15
N LYS A 51 -25.15 -37.83 -30.40
CA LYS A 51 -24.33 -38.80 -31.13
C LYS A 51 -24.10 -38.34 -32.57
N LYS A 52 -25.13 -37.77 -33.21
CA LYS A 52 -24.99 -37.27 -34.57
C LYS A 52 -24.06 -36.06 -34.65
N GLY A 53 -23.81 -35.39 -33.54
CA GLY A 53 -23.03 -34.16 -33.53
C GLY A 53 -23.85 -32.90 -33.45
N ASN A 54 -25.17 -32.99 -33.61
CA ASN A 54 -26.03 -31.82 -33.52
C ASN A 54 -26.00 -31.23 -32.12
N LEU A 55 -26.03 -29.90 -32.04
CA LEU A 55 -25.99 -29.19 -30.77
C LEU A 55 -27.42 -28.93 -30.32
N ILE A 56 -27.90 -29.73 -29.37
CA ILE A 56 -29.25 -29.53 -28.84
C ILE A 56 -29.35 -28.17 -28.16
N ARG A 57 -28.35 -27.82 -27.38
CA ARG A 57 -28.30 -26.53 -26.71
C ARG A 57 -26.86 -26.04 -26.67
N ALA A 58 -26.68 -24.73 -26.83
CA ALA A 58 -25.36 -24.13 -26.71
C ALA A 58 -25.05 -23.85 -25.23
N ALA A 59 -23.78 -23.57 -24.96
CA ALA A 59 -23.36 -23.25 -23.60
C ALA A 59 -23.98 -21.94 -23.15
N SER A 60 -24.10 -21.80 -21.83
CA SER A 60 -24.68 -20.58 -21.27
C SER A 60 -23.86 -19.36 -21.65
N PHE A 61 -24.55 -18.29 -22.03
CA PHE A 61 -23.92 -17.05 -22.48
C PHE A 61 -22.99 -17.29 -23.69
N GLN A 62 -23.38 -18.23 -24.56
CA GLN A 62 -22.56 -18.54 -25.72
C GLN A 62 -23.39 -18.75 -26.99
N ASP A 63 -24.62 -18.25 -27.02
CA ASP A 63 -25.45 -18.38 -28.21
C ASP A 63 -24.88 -17.55 -29.35
N SER A 64 -24.99 -18.08 -30.56
CA SER A 64 -24.48 -17.42 -31.76
C SER A 64 -25.57 -16.68 -32.53
N THR A 65 -26.76 -16.55 -31.98
CA THR A 65 -27.84 -15.86 -32.66
C THR A 65 -27.54 -14.36 -32.77
N ILE A 66 -28.14 -13.73 -33.78
CA ILE A 66 -27.93 -12.32 -34.06
C ILE A 66 -29.23 -11.58 -33.73
N PRO A 67 -29.27 -10.79 -32.66
CA PRO A 67 -30.47 -10.00 -32.37
C PRO A 67 -30.63 -8.85 -33.35
N ASP A 68 -31.88 -8.42 -33.53
CA ASP A 68 -32.18 -7.23 -34.32
C ASP A 68 -32.01 -6.02 -33.43
N ALA A 69 -30.81 -5.43 -33.44
CA ALA A 69 -30.48 -4.33 -32.55
C ALA A 69 -31.16 -3.06 -33.04
N ARG A 70 -32.16 -2.60 -32.29
CA ARG A 70 -32.97 -1.46 -32.68
C ARG A 70 -33.16 -0.53 -31.51
N VAL A 71 -33.40 0.75 -31.80
CA VAL A 71 -33.79 1.74 -30.81
C VAL A 71 -35.08 2.39 -31.27
N GLN A 72 -36.14 2.24 -30.48
CA GLN A 72 -37.43 2.77 -30.86
C GLN A 72 -37.45 4.29 -30.69
N PRO A 73 -38.16 5.01 -31.56
CA PRO A 73 -38.23 6.47 -31.43
C PRO A 73 -39.14 6.88 -30.28
N ASP A 74 -38.77 7.96 -29.61
CA ASP A 74 -39.55 8.47 -28.50
C ASP A 74 -39.13 9.91 -28.23
N ARG A 75 -40.12 10.75 -27.94
CA ARG A 75 -39.84 12.14 -27.65
C ARG A 75 -39.15 12.31 -26.30
N ARG A 76 -39.13 11.27 -25.47
CA ARG A 76 -38.52 11.34 -24.15
C ARG A 76 -37.02 11.13 -24.17
N TRP A 77 -36.45 10.72 -25.31
CA TRP A 77 -35.00 10.60 -25.40
C TRP A 77 -34.32 11.96 -25.30
N PHE A 78 -35.01 13.02 -25.70
CA PHE A 78 -34.42 14.34 -25.86
C PHE A 78 -34.69 15.26 -24.67
N GLY A 79 -35.42 14.80 -23.66
CA GLY A 79 -35.69 15.63 -22.51
C GLY A 79 -34.58 15.62 -21.48
N ASN A 80 -34.74 16.45 -20.45
CA ASN A 80 -33.80 16.45 -19.34
C ASN A 80 -34.08 15.25 -18.44
N THR A 81 -33.02 14.53 -18.08
CA THR A 81 -33.17 13.33 -17.26
C THR A 81 -33.03 13.63 -15.76
N ARG A 82 -32.11 14.49 -15.38
CA ARG A 82 -31.91 14.87 -13.98
C ARG A 82 -31.83 16.38 -13.88
N VAL A 83 -32.60 16.96 -12.96
CA VAL A 83 -32.56 18.38 -12.67
C VAL A 83 -32.55 18.57 -11.16
N ILE A 84 -32.09 19.74 -10.74
CA ILE A 84 -32.04 20.10 -9.32
C ILE A 84 -32.09 21.61 -9.19
N SER A 85 -32.75 22.08 -8.14
CA SER A 85 -32.84 23.51 -7.88
C SER A 85 -31.51 24.05 -7.36
N GLN A 86 -31.37 25.37 -7.42
CA GLN A 86 -30.14 26.00 -6.96
C GLN A 86 -29.94 25.82 -5.46
N ASP A 87 -31.00 26.05 -4.68
CA ASP A 87 -30.88 25.93 -3.23
C ASP A 87 -30.55 24.51 -2.82
N ALA A 88 -31.23 23.53 -3.43
CA ALA A 88 -30.95 22.13 -3.10
C ALA A 88 -29.53 21.75 -3.48
N LEU A 89 -29.06 22.20 -4.64
CA LEU A 89 -27.70 21.90 -5.06
C LEU A 89 -26.69 22.48 -4.07
N GLN A 90 -26.90 23.75 -3.67
CA GLN A 90 -25.98 24.38 -2.73
C GLN A 90 -25.98 23.66 -1.39
N HIS A 91 -27.17 23.31 -0.89
CA HIS A 91 -27.27 22.61 0.38
C HIS A 91 -26.58 21.26 0.31
N PHE A 92 -26.77 20.53 -0.79
CA PHE A 92 -26.13 19.23 -0.96
C PHE A 92 -24.61 19.38 -0.99
N ARG A 93 -24.10 20.33 -1.78
CA ARG A 93 -22.66 20.57 -1.81
C ARG A 93 -22.13 20.83 -0.41
N SER A 94 -22.73 21.78 0.30
CA SER A 94 -22.20 22.13 1.62
C SER A 94 -22.21 20.91 2.55
N ALA A 95 -23.37 20.27 2.70
CA ALA A 95 -23.50 19.21 3.68
C ALA A 95 -22.59 18.03 3.36
N LEU A 96 -22.67 17.49 2.15
CA LEU A 96 -21.92 16.27 1.88
C LEU A 96 -20.44 16.54 1.63
N GLY A 97 -20.07 17.70 1.11
CA GLY A 97 -18.66 18.04 1.01
C GLY A 97 -18.01 18.19 2.37
N GLU A 98 -18.75 18.75 3.34
CA GLU A 98 -18.23 18.77 4.71
C GLU A 98 -18.16 17.35 5.27
N THR A 99 -19.15 16.51 4.96
CA THR A 99 -19.17 15.15 5.49
C THR A 99 -18.01 14.32 4.97
N GLN A 100 -17.66 14.46 3.69
CA GLN A 100 -16.68 13.56 3.08
C GLN A 100 -15.30 13.67 3.73
N LYS A 101 -14.86 14.89 4.06
CA LYS A 101 -13.48 15.09 4.49
C LYS A 101 -13.18 14.30 5.77
N ASP A 102 -14.19 14.08 6.61
CA ASP A 102 -14.00 13.24 7.79
C ASP A 102 -13.79 11.79 7.37
N THR A 103 -12.71 11.18 7.83
CA THR A 103 -12.47 9.77 7.57
C THR A 103 -13.13 8.87 8.60
N TYR A 104 -13.74 9.45 9.64
CA TYR A 104 -14.52 8.69 10.60
C TYR A 104 -16.00 8.62 10.23
N GLN A 105 -16.41 9.29 9.14
CA GLN A 105 -17.79 9.30 8.69
C GLN A 105 -17.96 8.35 7.51
N VAL A 106 -19.08 7.64 7.48
CA VAL A 106 -19.40 6.71 6.41
C VAL A 106 -20.79 7.03 5.90
N LEU A 107 -20.92 7.13 4.58
CA LEU A 107 -22.20 7.41 3.94
C LEU A 107 -22.89 6.10 3.60
N LEU A 108 -24.17 5.98 3.99
CA LEU A 108 -24.93 4.77 3.73
C LEU A 108 -25.66 4.87 2.41
N ARG A 109 -25.74 3.74 1.71
CA ARG A 109 -26.34 3.68 0.37
C ARG A 109 -25.66 4.68 -0.56
N ARG A 110 -24.33 4.66 -0.56
CA ARG A 110 -23.54 5.62 -1.33
C ARG A 110 -23.80 5.50 -2.82
N ASN A 111 -24.21 4.31 -3.29
CA ASN A 111 -24.46 4.12 -4.71
C ASN A 111 -25.63 4.95 -5.21
N LYS A 112 -26.68 5.08 -4.39
CA LYS A 112 -27.87 5.81 -4.79
C LYS A 112 -27.75 7.31 -4.53
N LEU A 113 -26.64 7.77 -3.96
CA LEU A 113 -26.44 9.20 -3.78
C LEU A 113 -25.94 9.84 -5.07
N PRO A 114 -26.31 11.11 -5.32
CA PRO A 114 -25.76 11.83 -6.48
C PRO A 114 -24.37 12.38 -6.20
N MET A 115 -23.38 11.48 -6.17
CA MET A 115 -22.03 11.88 -5.83
C MET A 115 -21.33 12.63 -6.95
N SER A 116 -21.76 12.40 -8.20
CA SER A 116 -21.11 13.08 -9.33
C SER A 116 -21.46 14.56 -9.41
N LEU A 117 -22.47 15.01 -8.65
CA LEU A 117 -22.85 16.42 -8.69
C LEU A 117 -21.72 17.31 -8.18
N LEU A 118 -20.88 16.78 -7.30
CA LEU A 118 -19.78 17.52 -6.72
C LEU A 118 -18.79 18.00 -7.78
N PRO A 127 -6.09 33.94 -13.53
CA PRO A 127 -6.11 33.61 -14.96
C PRO A 127 -5.05 34.37 -15.76
N LYS A 128 -3.81 33.89 -15.70
CA LYS A 128 -2.73 34.51 -16.45
C LYS A 128 -3.00 34.39 -17.96
N ALA A 129 -2.75 35.47 -18.68
CA ALA A 129 -2.99 35.50 -20.11
C ALA A 129 -1.93 34.67 -20.84
N ARG A 130 -2.26 34.30 -22.08
CA ARG A 130 -1.39 33.50 -22.92
C ARG A 130 -0.61 34.43 -23.85
N ILE A 131 0.72 34.28 -23.86
CA ILE A 131 1.56 35.12 -24.70
C ILE A 131 1.33 34.81 -26.18
N LEU A 132 1.07 33.54 -26.49
CA LEU A 132 1.10 33.08 -27.88
C LEU A 132 0.03 33.72 -28.74
N ASP A 133 -1.13 34.04 -28.17
CA ASP A 133 -2.23 34.54 -28.99
C ASP A 133 -1.90 35.89 -29.63
N THR A 134 -1.22 36.77 -28.89
CA THR A 134 -0.91 38.08 -29.43
C THR A 134 0.39 38.10 -30.23
N GLU A 135 1.32 37.21 -29.91
CA GLU A 135 2.62 37.15 -30.58
C GLU A 135 2.96 35.71 -30.87
N SER A 136 3.18 35.38 -32.13
CA SER A 136 3.44 34.01 -32.56
C SER A 136 4.93 33.68 -32.46
N TYR A 137 5.24 32.40 -32.65
CA TYR A 137 6.63 31.97 -32.67
C TYR A 137 7.40 32.63 -33.81
N ALA A 138 6.77 32.74 -34.98
CA ALA A 138 7.41 33.38 -36.12
C ALA A 138 7.73 34.84 -35.82
N ASP A 139 6.80 35.54 -35.17
CA ASP A 139 7.05 36.93 -34.81
C ASP A 139 8.18 37.05 -33.79
N ALA A 140 8.25 36.12 -32.84
CA ALA A 140 9.25 36.21 -31.77
C ALA A 140 10.66 36.02 -32.32
N PHE A 141 10.87 35.00 -33.14
CA PHE A 141 12.21 34.68 -33.62
C PHE A 141 12.13 34.06 -35.00
N GLY A 142 13.22 34.20 -35.76
CA GLY A 142 13.31 33.59 -37.06
C GLY A 142 13.58 34.60 -38.17
N PRO A 143 13.63 34.11 -39.41
CA PRO A 143 13.85 35.02 -40.54
C PRO A 143 12.76 36.07 -40.70
N LYS A 144 11.52 35.76 -40.31
CA LYS A 144 10.39 36.67 -40.46
C LYS A 144 9.98 37.32 -39.14
N ALA A 145 10.88 37.37 -38.16
CA ALA A 145 10.56 37.96 -36.88
C ALA A 145 10.34 39.46 -37.00
N GLN A 146 9.43 39.97 -36.18
CA GLN A 146 9.17 41.41 -36.12
C GLN A 146 9.41 42.00 -34.73
N ARG A 147 9.81 41.18 -33.77
CA ARG A 147 10.11 41.67 -32.41
C ARG A 147 11.47 42.35 -32.44
N LYS A 148 11.49 43.66 -32.14
CA LYS A 148 12.71 44.44 -32.19
C LYS A 148 13.13 45.03 -30.86
N ARG A 149 12.22 45.15 -29.90
CA ARG A 149 12.51 45.72 -28.60
C ARG A 149 11.88 44.85 -27.52
N PRO A 150 12.42 44.88 -26.30
CA PRO A 150 11.89 43.99 -25.24
C PRO A 150 10.44 44.29 -24.92
N ARG A 151 9.70 43.22 -24.57
CA ARG A 151 8.28 43.35 -24.28
C ARG A 151 8.04 44.24 -23.07
N LEU A 152 8.69 43.93 -21.96
CA LEU A 152 8.55 44.68 -20.71
C LEU A 152 9.93 45.23 -20.36
N ALA A 153 10.27 46.37 -20.95
CA ALA A 153 11.57 46.98 -20.72
C ALA A 153 11.66 47.52 -19.30
N ALA A 154 12.89 47.60 -18.80
CA ALA A 154 13.12 48.12 -17.46
C ALA A 154 12.75 49.59 -17.40
N SER A 155 12.43 50.06 -16.19
CA SER A 155 12.05 51.46 -16.01
C SER A 155 13.19 52.39 -16.38
N ASN A 156 14.40 52.08 -15.91
CA ASN A 156 15.57 52.89 -16.19
C ASN A 156 16.82 52.05 -15.92
N LEU A 157 17.99 52.69 -15.94
CA LEU A 157 19.24 51.95 -15.90
C LEU A 157 19.57 51.47 -14.49
N GLU A 158 19.28 52.30 -13.47
CA GLU A 158 19.67 51.97 -12.10
C GLU A 158 18.90 50.76 -11.58
N ASP A 159 17.61 50.68 -11.87
CA ASP A 159 16.84 49.50 -11.47
C ASP A 159 17.35 48.26 -12.18
N LEU A 160 17.74 48.38 -13.44
CA LEU A 160 18.29 47.23 -14.17
C LEU A 160 19.59 46.75 -13.54
N VAL A 161 20.49 47.67 -13.19
CA VAL A 161 21.76 47.24 -12.60
C VAL A 161 21.54 46.68 -11.20
N LYS A 162 20.59 47.25 -10.45
CA LYS A 162 20.27 46.68 -9.13
C LYS A 162 19.73 45.27 -9.26
N ALA A 163 18.83 45.04 -10.22
CA ALA A 163 18.30 43.70 -10.42
C ALA A 163 19.38 42.73 -10.85
N THR A 164 20.29 43.16 -11.72
CA THR A 164 21.38 42.27 -12.14
C THR A 164 22.27 41.92 -10.95
N ASN A 165 22.59 42.90 -10.10
CA ASN A 165 23.41 42.63 -8.93
C ASN A 165 22.72 41.65 -7.99
N GLU A 166 21.42 41.85 -7.75
CA GLU A 166 20.68 40.95 -6.87
C GLU A 166 20.64 39.53 -7.44
N ASP A 167 20.40 39.41 -8.75
CA ASP A 167 20.35 38.09 -9.38
C ASP A 167 21.71 37.40 -9.32
N ILE A 168 22.79 38.16 -9.53
CA ILE A 168 24.12 37.56 -9.47
C ILE A 168 24.42 37.08 -8.06
N THR A 169 24.05 37.87 -7.04
CA THR A 169 24.25 37.44 -5.66
C THR A 169 23.47 36.16 -5.37
N LYS A 170 22.19 36.13 -5.75
CA LYS A 170 21.37 34.94 -5.49
C LYS A 170 21.91 33.73 -6.22
N TYR A 171 22.32 33.90 -7.48
CA TYR A 171 22.86 32.78 -8.26
C TYR A 171 24.16 32.26 -7.66
N GLU A 172 25.04 33.17 -7.22
CA GLU A 172 26.28 32.73 -6.58
C GLU A 172 25.99 31.95 -5.30
N GLU A 173 25.03 32.44 -4.51
CA GLU A 173 24.64 31.72 -3.30
C GLU A 173 24.09 30.34 -3.64
N LYS A 174 23.26 30.25 -4.69
CA LYS A 174 22.68 28.97 -5.08
C LYS A 174 23.76 28.00 -5.56
N GLN A 175 24.75 28.49 -6.33
CA GLN A 175 25.82 27.62 -6.78
C GLN A 175 26.69 27.16 -5.61
N VAL A 176 26.95 28.04 -4.65
CA VAL A 176 27.69 27.62 -3.46
C VAL A 176 26.90 26.56 -2.69
N LEU A 177 25.58 26.73 -2.59
CA LEU A 177 24.77 25.79 -1.84
C LEU A 177 24.73 24.42 -2.51
N ASP A 178 24.44 24.37 -3.81
CA ASP A 178 24.32 23.08 -4.47
C ASP A 178 25.67 22.48 -4.87
N ALA A 179 26.76 23.25 -4.72
CA ALA A 179 28.08 22.70 -5.03
C ALA A 179 28.55 21.74 -3.94
N THR A 180 28.07 21.91 -2.72
CA THR A 180 28.45 21.01 -1.63
C THR A 180 27.87 19.61 -1.80
N LEU A 181 26.94 19.42 -2.72
CA LEU A 181 26.37 18.11 -3.01
C LEU A 181 26.67 17.61 -4.41
N GLY A 182 26.71 18.50 -5.39
CA GLY A 182 26.95 18.10 -6.77
C GLY A 182 28.37 18.27 -7.25
N LEU A 183 28.95 19.45 -7.02
CA LEU A 183 30.30 19.73 -7.53
C LEU A 183 31.36 18.93 -6.78
N MET A 184 31.21 18.78 -5.47
CA MET A 184 32.10 17.91 -4.72
C MET A 184 31.78 16.43 -4.95
N GLY A 185 30.60 16.14 -5.51
CA GLY A 185 30.13 14.79 -5.71
C GLY A 185 30.31 14.31 -7.14
N ASN A 186 29.23 14.43 -7.92
CA ASN A 186 29.22 13.87 -9.28
C ASN A 186 30.31 14.49 -10.15
N GLN A 187 30.59 15.77 -9.98
CA GLN A 187 31.62 16.42 -10.79
C GLN A 187 32.99 15.79 -10.58
N GLU A 188 33.35 15.53 -9.32
CA GLU A 188 34.63 14.88 -9.06
C GLU A 188 34.59 13.39 -9.39
N ASP A 189 33.40 12.78 -9.33
CA ASP A 189 33.31 11.36 -9.63
C ASP A 189 33.72 11.05 -11.07
N LYS A 190 33.16 11.79 -12.04
CA LYS A 190 33.54 11.56 -13.43
C LYS A 190 34.89 12.19 -13.78
N GLU A 191 35.37 13.14 -12.95
CA GLU A 191 36.68 13.72 -13.19
C GLU A 191 37.77 12.66 -13.14
N ASN A 192 37.71 11.78 -12.14
CA ASN A 192 38.68 10.69 -11.99
C ASN A 192 38.28 9.44 -12.77
N GLY A 193 37.14 9.47 -13.47
CA GLY A 193 36.65 8.32 -14.19
C GLY A 193 35.97 7.28 -13.33
N TRP A 194 35.84 7.53 -12.04
CA TRP A 194 35.17 6.57 -11.16
C TRP A 194 33.67 6.58 -11.40
N THR A 195 33.08 5.39 -11.36
CA THR A 195 31.64 5.22 -11.49
C THR A 195 31.14 4.48 -10.26
N SER A 196 30.11 5.03 -9.62
CA SER A 196 29.51 4.36 -8.48
C SER A 196 28.92 3.01 -8.90
N ALA A 197 29.04 2.03 -8.02
CA ALA A 197 28.56 0.69 -8.34
C ALA A 197 27.06 0.71 -8.61
N ALA A 198 26.65 -0.07 -9.61
CA ALA A 198 25.23 -0.13 -9.96
C ALA A 198 24.42 -0.67 -8.80
N LYS A 199 23.20 -0.15 -8.66
CA LYS A 199 22.32 -0.58 -7.58
C LYS A 199 22.04 -2.07 -7.69
N GLU A 200 22.07 -2.75 -6.54
CA GLU A 200 21.81 -4.19 -6.53
C GLU A 200 20.34 -4.47 -6.79
N ALA A 201 20.07 -5.55 -7.53
CA ALA A 201 18.71 -5.92 -7.89
C ALA A 201 17.89 -6.34 -6.68
N ILE A 202 18.54 -6.63 -5.54
CA ILE A 202 17.81 -7.04 -4.35
C ILE A 202 16.93 -5.91 -3.84
N PHE A 203 17.44 -4.67 -3.87
CA PHE A 203 16.70 -3.54 -3.34
C PHE A 203 15.50 -3.17 -4.21
N SER A 204 15.39 -3.72 -5.41
CA SER A 204 14.24 -3.47 -6.28
C SER A 204 13.15 -4.52 -6.14
N LYS A 205 13.27 -5.44 -5.18
CA LYS A 205 12.26 -6.47 -5.00
C LYS A 205 10.98 -5.89 -4.43
N GLY A 206 9.87 -6.57 -4.68
CA GLY A 206 8.57 -6.07 -4.29
C GLY A 206 7.98 -5.06 -5.25
N GLN A 207 8.53 -4.93 -6.46
CA GLN A 207 8.08 -3.96 -7.45
C GLN A 207 7.78 -4.59 -8.80
N SER A 208 7.66 -5.92 -8.85
CA SER A 208 7.29 -6.57 -10.10
C SER A 208 5.81 -6.29 -10.42
N LYS A 209 5.48 -6.39 -11.70
CA LYS A 209 4.12 -6.10 -12.14
C LYS A 209 3.15 -7.18 -11.68
N ARG A 210 3.62 -8.40 -11.44
CA ARG A 210 2.77 -9.43 -10.88
C ARG A 210 2.27 -9.03 -9.49
N ILE A 211 3.18 -8.52 -8.66
CA ILE A 211 2.82 -8.13 -7.30
C ILE A 211 1.84 -6.96 -7.33
N TRP A 212 2.06 -6.00 -8.23
CA TRP A 212 1.18 -4.84 -8.27
C TRP A 212 -0.18 -5.17 -8.88
N ASN A 213 -0.23 -6.11 -9.83
CA ASN A 213 -1.52 -6.61 -10.29
C ASN A 213 -2.26 -7.30 -9.15
N GLU A 214 -1.54 -8.07 -8.33
CA GLU A 214 -2.17 -8.67 -7.16
C GLU A 214 -2.70 -7.61 -6.21
N LEU A 215 -1.92 -6.56 -5.96
CA LEU A 215 -2.34 -5.48 -5.08
C LEU A 215 -3.60 -4.79 -5.61
N TYR A 216 -3.64 -4.50 -6.90
CA TYR A 216 -4.79 -3.79 -7.45
C TYR A 216 -6.02 -4.68 -7.48
N LYS A 217 -5.85 -5.98 -7.73
CA LYS A 217 -6.98 -6.90 -7.62
C LYS A 217 -7.51 -6.94 -6.19
N VAL A 218 -6.61 -6.99 -5.20
CA VAL A 218 -7.03 -7.02 -3.81
C VAL A 218 -7.79 -5.74 -3.46
N ILE A 219 -7.27 -4.59 -3.89
CA ILE A 219 -7.95 -3.32 -3.60
C ILE A 219 -9.31 -3.28 -4.26
N ASP A 220 -9.39 -3.70 -5.53
CA ASP A 220 -10.67 -3.67 -6.24
C ASP A 220 -11.69 -4.60 -5.62
N SER A 221 -11.24 -5.67 -4.98
CA SER A 221 -12.17 -6.63 -4.37
C SER A 221 -12.47 -6.32 -2.90
N SER A 222 -11.86 -5.31 -2.31
CA SER A 222 -11.97 -5.05 -0.88
C SER A 222 -12.92 -3.88 -0.62
N ASP A 223 -13.94 -4.12 0.21
CA ASP A 223 -14.78 -3.03 0.67
C ASP A 223 -14.07 -2.19 1.72
N VAL A 224 -13.28 -2.83 2.58
CA VAL A 224 -12.48 -2.17 3.60
C VAL A 224 -11.04 -2.62 3.42
N VAL A 225 -10.11 -1.67 3.45
CA VAL A 225 -8.69 -1.96 3.25
C VAL A 225 -7.96 -1.60 4.53
N ILE A 226 -7.18 -2.56 5.04
CA ILE A 226 -6.38 -2.38 6.24
C ILE A 226 -4.93 -2.22 5.83
N HIS A 227 -4.38 -1.04 6.05
CA HIS A 227 -2.98 -0.77 5.74
C HIS A 227 -2.18 -1.02 7.01
N VAL A 228 -1.28 -2.01 6.96
CA VAL A 228 -0.57 -2.48 8.14
C VAL A 228 0.77 -1.76 8.24
N LEU A 229 1.02 -1.16 9.39
CA LEU A 229 2.23 -0.39 9.65
C LEU A 229 3.01 -1.03 10.78
N ASP A 230 4.33 -1.01 10.68
CA ASP A 230 5.18 -1.47 11.76
C ASP A 230 5.24 -0.42 12.86
N ALA A 231 5.15 -0.86 14.11
CA ALA A 231 5.13 0.08 15.23
C ALA A 231 6.47 0.79 15.39
N ARG A 232 7.58 0.08 15.14
CA ARG A 232 8.88 0.71 15.27
C ARG A 232 9.08 1.82 14.25
N ASP A 233 8.64 1.60 13.01
CA ASP A 233 8.82 2.56 11.91
C ASP A 233 7.51 2.71 11.14
N PRO A 234 6.52 3.39 11.73
CA PRO A 234 5.22 3.51 11.03
C PRO A 234 5.27 4.40 9.81
N LEU A 235 5.92 5.57 9.90
CA LEU A 235 5.97 6.47 8.76
C LEU A 235 6.82 5.88 7.64
N GLY A 236 7.85 5.11 7.99
CA GLY A 236 8.67 4.48 6.96
C GLY A 236 7.92 3.43 6.18
N THR A 237 7.09 2.63 6.85
CA THR A 237 6.34 1.57 6.19
C THR A 237 5.04 2.06 5.58
N ARG A 238 4.63 3.30 5.85
CA ARG A 238 3.41 3.84 5.28
C ARG A 238 3.60 4.13 3.80
N CYS A 239 2.62 3.74 2.98
CA CYS A 239 2.66 3.91 1.53
C CYS A 239 1.71 5.04 1.16
N LYS A 240 2.25 6.25 0.98
CA LYS A 240 1.42 7.41 0.67
C LYS A 240 0.76 7.28 -0.70
N SER A 241 1.47 6.72 -1.67
CA SER A 241 0.96 6.66 -3.04
C SER A 241 -0.34 5.86 -3.12
N VAL A 242 -0.38 4.72 -2.43
CA VAL A 242 -1.57 3.86 -2.50
C VAL A 242 -2.75 4.55 -1.82
N GLU A 243 -2.51 5.23 -0.70
CA GLU A 243 -3.58 5.95 -0.02
C GLU A 243 -4.11 7.09 -0.88
N GLU A 244 -3.22 7.83 -1.53
CA GLU A 244 -3.66 8.90 -2.42
C GLU A 244 -4.46 8.33 -3.59
N TYR A 245 -4.02 7.20 -4.15
CA TYR A 245 -4.76 6.58 -5.23
C TYR A 245 -6.15 6.15 -4.78
N MET A 246 -6.25 5.57 -3.58
CA MET A 246 -7.55 5.16 -3.07
C MET A 246 -8.47 6.35 -2.85
N LYS A 247 -7.93 7.46 -2.31
CA LYS A 247 -8.74 8.64 -2.12
C LYS A 247 -9.22 9.21 -3.45
N LYS A 248 -8.36 9.24 -4.47
CA LYS A 248 -8.72 9.84 -5.74
C LYS A 248 -9.63 8.97 -6.60
N GLU A 249 -9.41 7.65 -6.61
CA GLU A 249 -9.98 6.78 -7.63
C GLU A 249 -11.05 5.83 -7.11
N THR A 250 -10.95 5.39 -5.86
CA THR A 250 -11.96 4.52 -5.24
C THR A 250 -12.35 5.08 -3.88
N PRO A 251 -12.97 6.27 -3.85
CA PRO A 251 -13.23 6.93 -2.56
C PRO A 251 -14.25 6.22 -1.69
N HIS A 252 -15.06 5.31 -2.25
CA HIS A 252 -16.09 4.65 -1.46
C HIS A 252 -15.52 3.56 -0.56
N LYS A 253 -14.30 3.10 -0.81
CA LYS A 253 -13.66 2.14 0.08
C LYS A 253 -13.12 2.84 1.32
N HIS A 254 -13.04 2.09 2.42
CA HIS A 254 -12.62 2.62 3.71
C HIS A 254 -11.20 2.13 4.02
N LEU A 255 -10.35 3.06 4.44
CA LEU A 255 -8.95 2.78 4.76
C LEU A 255 -8.70 3.07 6.22
N ILE A 256 -8.06 2.12 6.92
CA ILE A 256 -7.77 2.27 8.33
C ILE A 256 -6.33 1.83 8.59
N TYR A 257 -5.80 2.26 9.73
CA TYR A 257 -4.43 1.98 10.12
C TYR A 257 -4.40 0.92 11.21
N VAL A 258 -3.59 -0.12 11.02
CA VAL A 258 -3.32 -1.11 12.04
C VAL A 258 -1.82 -1.11 12.30
N LEU A 259 -1.43 -0.72 13.50
CA LEU A 259 -0.03 -0.61 13.91
C LEU A 259 0.38 -1.94 14.51
N ASN A 260 1.03 -2.78 13.70
CA ASN A 260 1.44 -4.09 14.14
C ASN A 260 2.76 -4.02 14.90
N LYS A 261 3.10 -5.14 15.54
CA LYS A 261 4.36 -5.29 16.27
C LYS A 261 4.52 -4.24 17.36
N CYS A 262 3.42 -3.96 18.06
CA CYS A 262 3.46 -3.03 19.19
C CYS A 262 4.14 -3.61 20.42
N ASP A 263 4.43 -4.92 20.43
CA ASP A 263 5.11 -5.52 21.56
C ASP A 263 6.60 -5.21 21.57
N LEU A 264 7.15 -4.74 20.45
CA LEU A 264 8.57 -4.45 20.38
C LEU A 264 8.89 -3.08 20.96
N VAL A 265 8.02 -2.10 20.76
CA VAL A 265 8.24 -0.72 21.22
C VAL A 265 7.70 -0.56 22.63
N PRO A 266 8.11 0.47 23.37
CA PRO A 266 7.47 0.77 24.65
C PRO A 266 6.00 1.16 24.46
N THR A 267 5.24 1.00 25.54
CA THR A 267 3.80 1.29 25.48
C THR A 267 3.54 2.75 25.17
N TRP A 268 4.31 3.67 25.77
CA TRP A 268 4.07 5.08 25.53
C TRP A 268 4.38 5.46 24.08
N VAL A 269 5.37 4.82 23.46
CA VAL A 269 5.66 5.07 22.05
C VAL A 269 4.46 4.69 21.19
N ALA A 270 3.87 3.52 21.47
CA ALA A 270 2.70 3.09 20.72
C ALA A 270 1.52 4.01 20.95
N ALA A 271 1.32 4.46 22.20
CA ALA A 271 0.22 5.38 22.48
C ALA A 271 0.39 6.69 21.74
N ALA A 272 1.61 7.24 21.74
CA ALA A 272 1.86 8.48 21.02
C ALA A 272 1.68 8.31 19.52
N TRP A 273 2.16 7.19 18.97
CA TRP A 273 2.00 6.96 17.53
C TRP A 273 0.53 6.79 17.16
N VAL A 274 -0.24 6.10 18.00
CA VAL A 274 -1.67 5.94 17.73
C VAL A 274 -2.37 7.29 17.78
N LYS A 275 -2.02 8.12 18.77
CA LYS A 275 -2.61 9.46 18.85
C LYS A 275 -2.27 10.28 17.62
N HIS A 276 -1.01 10.21 17.17
CA HIS A 276 -0.61 10.97 15.99
C HIS A 276 -1.32 10.49 14.72
N LEU A 277 -1.46 9.17 14.57
CA LEU A 277 -2.06 8.62 13.36
C LEU A 277 -3.58 8.69 13.34
N SER A 278 -4.22 8.81 14.52
CA SER A 278 -5.68 8.83 14.56
C SER A 278 -6.25 10.14 14.04
N LYS A 279 -5.42 11.17 13.87
CA LYS A 279 -5.89 12.41 13.26
C LYS A 279 -6.28 12.19 11.81
N GLU A 280 -5.58 11.31 11.11
CA GLU A 280 -5.86 11.08 9.70
C GLU A 280 -7.02 10.12 9.52
N ARG A 281 -6.97 8.95 10.17
CA ARG A 281 -7.96 7.90 9.95
C ARG A 281 -7.94 6.99 11.16
N PRO A 282 -8.98 6.15 11.32
CA PRO A 282 -9.03 5.26 12.49
C PRO A 282 -7.80 4.37 12.57
N THR A 283 -7.25 4.25 13.78
CA THR A 283 -6.01 3.53 14.02
C THR A 283 -6.18 2.59 15.21
N LEU A 284 -5.67 1.38 15.06
CA LEU A 284 -5.67 0.38 16.12
C LEU A 284 -4.26 -0.15 16.33
N ALA A 285 -3.81 -0.18 17.58
CA ALA A 285 -2.55 -0.84 17.92
C ALA A 285 -2.78 -2.34 18.03
N PHE A 286 -1.90 -3.13 17.42
CA PHE A 286 -2.12 -4.57 17.30
C PHE A 286 -0.82 -5.32 17.57
N HIS A 287 -0.95 -6.52 18.13
CA HIS A 287 0.16 -7.45 18.30
C HIS A 287 -0.31 -8.83 17.87
N ALA A 288 0.21 -9.31 16.74
CA ALA A 288 -0.30 -10.51 16.10
C ALA A 288 0.37 -11.74 16.71
N SER A 289 -0.46 -12.64 17.25
CA SER A 289 0.03 -13.85 17.88
C SER A 289 -1.15 -14.81 18.06
N ILE A 290 -0.89 -16.10 17.83
CA ILE A 290 -1.95 -17.08 17.99
C ILE A 290 -2.29 -17.30 19.46
N THR A 291 -1.27 -17.35 20.33
CA THR A 291 -1.51 -17.66 21.73
C THR A 291 -1.98 -16.43 22.52
N ASN A 292 -1.12 -15.41 22.61
CA ASN A 292 -1.43 -14.20 23.37
C ASN A 292 -1.25 -12.97 22.47
N SER A 293 -2.36 -12.32 22.15
CA SER A 293 -2.36 -11.19 21.24
C SER A 293 -2.82 -9.93 21.95
N PHE A 294 -2.76 -8.81 21.25
CA PHE A 294 -3.27 -7.54 21.74
C PHE A 294 -4.06 -6.87 20.63
N GLY A 295 -5.25 -6.39 20.98
CA GLY A 295 -6.07 -5.65 20.03
C GLY A 295 -6.94 -6.49 19.12
N LYS A 296 -7.06 -7.80 19.38
CA LYS A 296 -7.91 -8.63 18.54
C LYS A 296 -9.37 -8.25 18.67
N GLY A 297 -9.84 -8.03 19.91
CA GLY A 297 -11.23 -7.68 20.12
C GLY A 297 -11.62 -6.36 19.48
N SER A 298 -10.74 -5.36 19.58
CA SER A 298 -11.02 -4.06 18.97
C SER A 298 -11.12 -4.17 17.46
N LEU A 299 -10.21 -4.91 16.84
CA LEU A 299 -10.25 -5.09 15.39
C LEU A 299 -11.52 -5.84 14.97
N ILE A 300 -11.91 -6.87 15.72
CA ILE A 300 -13.14 -7.58 15.41
C ILE A 300 -14.34 -6.65 15.54
N GLN A 301 -14.35 -5.80 16.56
CA GLN A 301 -15.47 -4.87 16.73
C GLN A 301 -15.54 -3.88 15.58
N LEU A 302 -14.40 -3.37 15.13
CA LEU A 302 -14.40 -2.44 14.00
C LEU A 302 -14.90 -3.12 12.72
N LEU A 303 -14.43 -4.34 12.46
CA LEU A 303 -14.88 -5.05 11.27
C LEU A 303 -16.38 -5.37 11.35
N ARG A 304 -16.86 -5.73 12.54
CA ARG A 304 -18.30 -5.95 12.70
C ARG A 304 -19.09 -4.68 12.43
N GLN A 305 -18.62 -3.55 12.96
CA GLN A 305 -19.28 -2.27 12.69
C GLN A 305 -19.38 -2.04 11.18
N PHE A 306 -18.26 -2.19 10.47
CA PHE A 306 -18.29 -2.06 9.02
C PHE A 306 -19.27 -3.06 8.40
N SER A 307 -19.44 -4.23 9.01
CA SER A 307 -20.38 -5.22 8.49
C SER A 307 -21.83 -4.72 8.59
N GLN A 308 -22.21 -4.15 9.74
CA GLN A 308 -23.58 -3.64 9.81
C GLN A 308 -23.77 -2.42 8.93
N LEU A 309 -22.72 -1.61 8.74
CA LEU A 309 -22.86 -0.42 7.90
C LEU A 309 -23.20 -0.78 6.46
N HIS A 310 -22.65 -1.89 5.95
CA HIS A 310 -22.95 -2.35 4.59
C HIS A 310 -24.01 -3.45 4.65
N THR A 311 -25.20 -3.07 5.12
CA THR A 311 -26.27 -4.04 5.30
C THR A 311 -26.79 -4.55 3.95
N ASP A 312 -26.76 -3.71 2.92
CA ASP A 312 -27.27 -4.11 1.61
C ASP A 312 -26.47 -5.29 1.04
N ARG A 313 -25.15 -5.24 1.16
CA ARG A 313 -24.31 -6.27 0.56
C ARG A 313 -24.48 -7.60 1.27
N LYS A 314 -24.24 -8.67 0.52
CA LYS A 314 -24.27 -10.03 1.09
C LYS A 314 -23.17 -10.20 2.13
N GLN A 315 -21.99 -9.66 1.86
CA GLN A 315 -20.91 -9.64 2.84
C GLN A 315 -19.92 -8.55 2.44
N ILE A 316 -18.98 -8.27 3.34
CA ILE A 316 -17.92 -7.33 3.08
C ILE A 316 -16.59 -8.07 3.04
N SER A 317 -15.68 -7.58 2.21
CA SER A 317 -14.35 -8.14 2.07
C SER A 317 -13.32 -7.15 2.60
N VAL A 318 -12.32 -7.66 3.31
CA VAL A 318 -11.31 -6.84 3.95
C VAL A 318 -9.95 -7.21 3.37
N GLY A 319 -9.20 -6.21 2.93
CA GLY A 319 -7.89 -6.39 2.34
C GLY A 319 -6.80 -5.90 3.26
N PHE A 320 -5.69 -6.64 3.31
CA PHE A 320 -4.52 -6.30 4.11
C PHE A 320 -3.37 -5.96 3.18
N ILE A 321 -2.85 -4.74 3.31
CA ILE A 321 -1.78 -4.26 2.44
C ILE A 321 -0.71 -3.59 3.30
N GLY A 322 0.49 -3.50 2.74
CA GLY A 322 1.59 -2.85 3.41
C GLY A 322 2.92 -3.36 2.92
N TYR A 323 3.97 -2.97 3.63
CA TYR A 323 5.31 -3.45 3.32
C TYR A 323 5.41 -4.94 3.65
N PRO A 324 6.36 -5.64 3.02
CA PRO A 324 6.62 -7.03 3.41
C PRO A 324 7.10 -7.11 4.85
N ASN A 325 6.75 -8.23 5.50
CA ASN A 325 7.14 -8.52 6.88
C ASN A 325 6.57 -7.52 7.89
N THR A 326 5.38 -7.00 7.62
CA THR A 326 4.65 -6.19 8.60
C THR A 326 3.64 -7.00 9.39
N GLY A 327 3.44 -8.27 9.06
CA GLY A 327 2.56 -9.12 9.82
C GLY A 327 1.13 -9.22 9.33
N LYS A 328 0.88 -9.05 8.02
CA LYS A 328 -0.48 -9.15 7.51
C LYS A 328 -1.02 -10.56 7.67
N SER A 329 -0.24 -11.56 7.24
CA SER A 329 -0.64 -12.95 7.41
C SER A 329 -0.75 -13.29 8.89
N SER A 330 0.14 -12.75 9.72
CA SER A 330 0.05 -12.98 11.16
C SER A 330 -1.21 -12.37 11.75
N ILE A 331 -1.61 -11.19 11.27
CA ILE A 331 -2.85 -10.58 11.74
C ILE A 331 -4.04 -11.46 11.36
N ILE A 332 -4.06 -11.96 10.13
CA ILE A 332 -5.15 -12.84 9.71
C ILE A 332 -5.19 -14.10 10.55
N ASN A 333 -4.01 -14.67 10.84
CA ASN A 333 -3.95 -15.86 11.69
C ASN A 333 -4.47 -15.56 13.09
N THR A 334 -4.11 -14.40 13.64
CA THR A 334 -4.62 -14.00 14.96
C THR A 334 -6.13 -13.89 14.95
N LEU A 335 -6.69 -13.31 13.89
CA LEU A 335 -8.14 -13.19 13.78
C LEU A 335 -8.79 -14.57 13.71
N ARG A 336 -8.19 -15.50 12.95
CA ARG A 336 -8.74 -16.84 12.83
C ARG A 336 -8.34 -17.75 13.99
N LYS A 337 -7.35 -17.36 14.79
CA LYS A 337 -6.78 -18.21 15.84
C LYS A 337 -6.36 -19.57 15.28
N LYS A 338 -5.71 -19.53 14.12
CA LYS A 338 -5.27 -20.74 13.44
C LYS A 338 -4.21 -20.33 12.42
N LYS A 339 -3.41 -21.29 11.99
CA LYS A 339 -2.39 -21.03 10.96
C LYS A 339 -2.99 -21.25 9.58
N VAL A 340 -3.86 -20.30 9.20
CA VAL A 340 -4.49 -20.37 7.87
C VAL A 340 -3.66 -19.65 6.81
N CYS A 341 -2.65 -18.87 7.21
CA CYS A 341 -1.79 -18.17 6.28
C CYS A 341 -0.33 -18.43 6.62
N GLN A 342 0.49 -18.64 5.59
CA GLN A 342 1.91 -18.86 5.80
C GLN A 342 2.59 -17.58 6.22
N VAL A 343 3.45 -17.68 7.24
CA VAL A 343 4.24 -16.55 7.73
C VAL A 343 5.70 -16.96 7.76
N ALA A 344 6.58 -16.00 7.46
CA ALA A 344 8.03 -16.25 7.47
C ALA A 344 8.74 -14.90 7.47
N PRO A 345 9.85 -14.76 8.20
CA PRO A 345 10.58 -13.48 8.18
C PRO A 345 11.13 -13.13 6.81
N ILE A 346 11.42 -14.10 5.96
CA ILE A 346 12.01 -13.79 4.65
C ILE A 346 10.97 -13.09 3.78
N PRO A 347 11.32 -12.00 3.12
CA PRO A 347 10.35 -11.31 2.25
C PRO A 347 9.98 -12.17 1.05
N GLY A 348 8.78 -11.90 0.53
CA GLY A 348 8.27 -12.68 -0.59
C GLY A 348 7.61 -13.97 -0.19
N GLU A 349 7.20 -14.11 1.07
CA GLU A 349 6.52 -15.33 1.50
C GLU A 349 5.18 -15.49 0.80
N THR A 350 4.35 -14.44 0.83
CA THR A 350 3.04 -14.48 0.18
C THR A 350 3.18 -13.95 -1.24
N LYS A 351 2.79 -14.76 -2.21
CA LYS A 351 2.93 -14.42 -3.62
C LYS A 351 1.64 -14.06 -4.32
N VAL A 352 0.49 -14.57 -3.85
CA VAL A 352 -0.81 -14.30 -4.46
C VAL A 352 -1.82 -13.99 -3.37
N TRP A 353 -2.98 -13.52 -3.77
CA TRP A 353 -4.02 -13.18 -2.80
C TRP A 353 -4.66 -14.47 -2.28
N GLN A 354 -5.20 -14.41 -1.07
CA GLN A 354 -5.84 -15.58 -0.47
C GLN A 354 -7.08 -15.17 0.31
N TYR A 355 -8.17 -15.88 0.05
CA TYR A 355 -9.44 -15.59 0.72
C TYR A 355 -9.56 -16.41 2.00
N ILE A 356 -9.92 -15.74 3.08
CA ILE A 356 -10.14 -16.38 4.38
C ILE A 356 -11.53 -15.99 4.87
N THR A 357 -12.32 -16.98 5.26
CA THR A 357 -13.68 -16.73 5.73
C THR A 357 -13.64 -16.55 7.24
N LEU A 358 -13.57 -15.29 7.68
CA LEU A 358 -13.67 -15.01 9.10
C LEU A 358 -15.06 -15.32 9.63
N MET A 359 -16.08 -14.80 8.97
CA MET A 359 -17.48 -15.13 9.24
C MET A 359 -18.23 -15.16 7.92
N LYS A 360 -19.53 -15.46 7.98
CA LYS A 360 -20.32 -15.48 6.76
C LYS A 360 -20.49 -14.10 6.17
N ARG A 361 -20.37 -13.05 6.99
CA ARG A 361 -20.55 -11.69 6.53
C ARG A 361 -19.24 -10.95 6.29
N ILE A 362 -18.10 -11.49 6.71
CA ILE A 362 -16.82 -10.81 6.61
C ILE A 362 -15.79 -11.76 6.03
N PHE A 363 -15.11 -11.31 4.97
CA PHE A 363 -14.04 -12.05 4.32
C PHE A 363 -12.75 -11.25 4.42
N LEU A 364 -11.62 -11.96 4.48
CA LEU A 364 -10.31 -11.34 4.56
C LEU A 364 -9.49 -11.77 3.35
N ILE A 365 -8.67 -10.86 2.82
CA ILE A 365 -7.85 -11.13 1.65
C ILE A 365 -6.40 -10.87 2.01
N ASP A 366 -5.58 -11.91 1.95
CA ASP A 366 -4.13 -11.80 2.13
C ASP A 366 -3.48 -11.43 0.81
N CYS A 367 -2.56 -10.47 0.87
CA CYS A 367 -1.92 -9.86 -0.28
C CYS A 367 -0.42 -9.82 -0.10
N PRO A 368 0.35 -9.92 -1.19
CA PRO A 368 1.80 -9.74 -1.10
C PRO A 368 2.18 -8.32 -0.70
N GLY A 369 3.32 -8.20 -0.03
CA GLY A 369 3.81 -6.89 0.37
C GLY A 369 4.32 -6.09 -0.82
N ILE A 370 4.09 -4.78 -0.76
CA ILE A 370 4.43 -3.86 -1.84
C ILE A 370 5.44 -2.86 -1.33
N VAL A 371 6.37 -2.47 -2.20
CA VAL A 371 7.36 -1.45 -1.88
C VAL A 371 7.32 -0.37 -2.94
N PRO A 372 6.55 0.70 -2.73
CA PRO A 372 6.44 1.77 -3.75
C PRO A 372 7.81 2.34 -4.09
N PRO A 373 8.11 2.52 -5.37
CA PRO A 373 9.43 3.04 -5.77
C PRO A 373 9.56 4.52 -5.45
N SER A 374 10.67 4.88 -4.80
CA SER A 374 10.97 6.26 -4.48
C SER A 374 12.47 6.50 -4.68
N SER A 375 12.80 7.60 -5.36
CA SER A 375 14.20 7.94 -5.57
C SER A 375 14.87 8.36 -4.27
N LYS A 376 14.14 9.02 -3.38
CA LYS A 376 14.76 9.54 -2.16
C LYS A 376 15.06 8.45 -1.16
N ASP A 377 14.38 7.30 -1.25
CA ASP A 377 14.69 6.18 -0.37
C ASP A 377 15.98 5.53 -0.81
N SER A 378 17.03 5.69 0.00
CA SER A 378 18.31 5.07 -0.31
C SER A 378 18.26 3.57 0.00
N GLU A 379 19.28 2.86 -0.49
CA GLU A 379 19.34 1.41 -0.30
C GLU A 379 19.40 1.07 1.19
N GLU A 380 20.09 1.89 1.98
CA GLU A 380 20.22 1.62 3.41
C GLU A 380 18.86 1.65 4.11
N ASP A 381 18.02 2.65 3.78
CA ASP A 381 16.71 2.74 4.41
C ASP A 381 15.84 1.55 4.05
N ILE A 382 15.84 1.15 2.79
CA ILE A 382 15.07 -0.01 2.36
C ILE A 382 15.55 -1.27 3.07
N LEU A 383 16.87 -1.42 3.19
CA LEU A 383 17.42 -2.57 3.91
C LEU A 383 16.99 -2.54 5.38
N PHE A 384 16.90 -1.36 5.97
CA PHE A 384 16.50 -1.24 7.37
C PHE A 384 15.00 -1.31 7.56
N ARG A 385 14.21 -1.32 6.50
CA ARG A 385 12.77 -1.50 6.61
C ARG A 385 12.34 -2.96 6.46
N GLY A 386 13.28 -3.89 6.35
CA GLY A 386 12.92 -5.29 6.21
C GLY A 386 12.44 -5.70 4.84
N VAL A 387 12.68 -4.86 3.82
CA VAL A 387 12.20 -5.15 2.48
C VAL A 387 12.99 -6.29 1.85
N VAL A 388 14.30 -6.33 2.04
CA VAL A 388 15.17 -7.17 1.23
C VAL A 388 15.67 -8.36 2.04
N ARG A 389 16.10 -9.38 1.32
CA ARG A 389 16.74 -10.54 1.93
C ARG A 389 18.21 -10.22 2.19
N VAL A 390 18.62 -10.35 3.45
CA VAL A 390 19.95 -9.89 3.87
C VAL A 390 21.05 -10.73 3.20
N GLU A 391 20.80 -12.02 3.01
CA GLU A 391 21.83 -12.91 2.49
C GLU A 391 22.30 -12.50 1.10
N HIS A 392 21.47 -11.80 0.34
CA HIS A 392 21.79 -11.42 -1.03
C HIS A 392 22.54 -10.10 -1.13
N VAL A 393 22.78 -9.41 -0.01
CA VAL A 393 23.49 -8.15 -0.05
C VAL A 393 24.99 -8.41 -0.25
N THR A 394 25.61 -7.57 -1.08
CA THR A 394 27.03 -7.75 -1.41
C THR A 394 27.92 -7.48 -0.19
N HIS A 395 27.86 -6.24 0.33
CA HIS A 395 28.71 -5.82 1.45
C HIS A 395 27.81 -5.52 2.65
N PRO A 396 27.57 -6.50 3.52
CA PRO A 396 26.71 -6.24 4.69
C PRO A 396 27.38 -5.38 5.74
N GLU A 397 28.71 -5.33 5.77
CA GLU A 397 29.41 -4.52 6.78
C GLU A 397 29.18 -3.04 6.56
N GLN A 398 29.03 -2.62 5.30
CA GLN A 398 28.87 -1.19 5.00
C GLN A 398 27.59 -0.63 5.59
N TYR A 399 26.58 -1.48 5.81
CA TYR A 399 25.34 -1.05 6.45
C TYR A 399 25.36 -1.25 7.96
N ILE A 400 26.44 -1.82 8.51
CA ILE A 400 26.53 -2.00 9.96
C ILE A 400 26.52 -0.68 10.71
N PRO A 401 27.25 0.37 10.31
CA PRO A 401 27.21 1.62 11.09
C PRO A 401 25.80 2.19 11.23
N GLY A 402 24.93 1.98 10.25
CA GLY A 402 23.55 2.42 10.39
C GLY A 402 22.86 1.82 11.60
N VAL A 403 23.08 0.53 11.85
CA VAL A 403 22.55 -0.11 13.05
C VAL A 403 23.00 0.65 14.28
N LEU A 404 24.24 1.15 14.28
CA LEU A 404 24.76 1.85 15.44
C LEU A 404 24.06 3.18 15.68
N LYS A 405 23.50 3.80 14.65
CA LYS A 405 22.81 5.08 14.81
C LYS A 405 21.30 4.91 14.96
N ARG A 406 20.82 3.67 15.04
CA ARG A 406 19.41 3.40 15.27
C ARG A 406 19.16 2.64 16.57
N CYS A 407 20.20 2.23 17.28
CA CYS A 407 20.09 1.44 18.50
C CYS A 407 20.88 2.09 19.61
N GLN A 408 20.35 2.02 20.83
CA GLN A 408 21.08 2.49 21.99
C GLN A 408 22.20 1.52 22.34
N VAL A 409 23.28 2.06 22.90
CA VAL A 409 24.46 1.25 23.21
C VAL A 409 24.12 0.18 24.25
N LYS A 410 23.36 0.56 25.28
CA LYS A 410 23.04 -0.38 26.34
C LYS A 410 22.20 -1.54 25.83
N HIS A 411 21.33 -1.30 24.85
CA HIS A 411 20.56 -2.39 24.26
C HIS A 411 21.49 -3.39 23.58
N LEU A 412 22.49 -2.89 22.84
CA LEU A 412 23.44 -3.79 22.21
C LEU A 412 24.27 -4.55 23.24
N GLU A 413 24.66 -3.88 24.32
CA GLU A 413 25.45 -4.53 25.36
C GLU A 413 24.64 -5.61 26.07
N ARG A 414 23.34 -5.39 26.23
CA ARG A 414 22.49 -6.42 26.83
C ARG A 414 22.25 -7.57 25.85
N THR A 415 22.10 -7.25 24.57
CA THR A 415 21.75 -8.29 23.58
C THR A 415 22.94 -9.20 23.28
N TYR A 416 24.12 -8.63 23.10
CA TYR A 416 25.29 -9.39 22.68
C TYR A 416 26.31 -9.61 23.78
N GLU A 417 26.11 -9.02 24.96
CA GLU A 417 26.99 -9.21 26.11
C GLU A 417 28.44 -8.80 25.80
N ILE A 418 28.60 -7.68 25.09
CA ILE A 418 29.91 -7.16 24.74
C ILE A 418 29.96 -5.67 25.07
N SER A 419 31.18 -5.15 25.17
CA SER A 419 31.40 -3.74 25.42
C SER A 419 32.82 -3.37 25.03
N GLY A 420 33.04 -2.07 24.86
CA GLY A 420 34.37 -1.55 24.60
C GLY A 420 34.70 -1.25 23.15
N TRP A 421 33.73 -1.22 22.26
CA TRP A 421 33.98 -0.93 20.85
C TRP A 421 33.97 0.57 20.60
N LYS A 422 34.79 1.01 19.65
CA LYS A 422 34.80 2.42 19.27
C LYS A 422 34.00 2.71 18.01
N ASP A 423 33.91 1.74 17.10
CA ASP A 423 33.18 1.94 15.85
C ASP A 423 32.58 0.60 15.43
N ALA A 424 32.12 0.53 14.17
CA ALA A 424 31.46 -0.67 13.68
C ALA A 424 32.44 -1.82 13.47
N THR A 425 33.64 -1.51 12.98
CA THR A 425 34.61 -2.57 12.71
C THR A 425 34.98 -3.33 13.98
N GLU A 426 35.28 -2.60 15.06
CA GLU A 426 35.62 -3.25 16.32
C GLU A 426 34.43 -4.00 16.88
N PHE A 427 33.22 -3.46 16.73
CA PHE A 427 32.03 -4.15 17.20
C PHE A 427 31.88 -5.50 16.50
N ILE A 428 32.03 -5.50 15.18
CA ILE A 428 31.93 -6.74 14.41
C ILE A 428 33.01 -7.72 14.85
N GLU A 429 34.25 -7.24 14.99
CA GLU A 429 35.34 -8.14 15.35
C GLU A 429 35.12 -8.75 16.73
N ILE A 430 34.71 -7.94 17.71
CA ILE A 430 34.50 -8.44 19.06
C ILE A 430 33.37 -9.45 19.09
N LEU A 431 32.25 -9.14 18.41
CA LEU A 431 31.14 -10.08 18.37
C LEU A 431 31.54 -11.38 17.70
N ALA A 432 32.28 -11.31 16.60
CA ALA A 432 32.70 -12.52 15.89
C ALA A 432 33.63 -13.36 16.75
N ARG A 433 34.56 -12.71 17.46
CA ARG A 433 35.47 -13.46 18.33
C ARG A 433 34.75 -14.10 19.49
N LYS A 434 33.78 -13.39 20.08
CA LYS A 434 33.00 -13.96 21.17
C LYS A 434 32.17 -15.15 20.70
N GLN A 435 31.57 -15.05 19.52
CA GLN A 435 30.72 -16.10 18.99
C GLN A 435 31.49 -17.17 18.22
N GLY A 436 32.81 -17.03 18.09
CA GLY A 436 33.59 -18.04 17.41
C GLY A 436 33.37 -18.13 15.92
N ARG A 437 32.83 -17.08 15.31
CA ARG A 437 32.60 -17.05 13.87
C ARG A 437 33.93 -16.74 13.16
N LEU A 438 34.79 -17.75 13.16
CA LEU A 438 36.16 -17.62 12.66
C LEU A 438 36.29 -18.36 11.34
N LEU A 439 36.94 -17.73 10.37
CA LEU A 439 37.24 -18.37 9.11
C LEU A 439 38.48 -19.25 9.26
N LYS A 440 38.87 -19.89 8.15
CA LYS A 440 40.07 -20.71 8.17
C LYS A 440 41.29 -19.84 8.44
N GLY A 441 42.12 -20.28 9.38
CA GLY A 441 43.27 -19.50 9.81
C GLY A 441 43.02 -18.62 11.02
N GLY A 442 41.78 -18.48 11.46
CA GLY A 442 41.45 -17.72 12.65
C GLY A 442 40.93 -16.32 12.43
N GLU A 443 40.86 -15.87 11.18
CA GLU A 443 40.37 -14.52 10.91
C GLU A 443 38.85 -14.50 11.03
N PRO A 444 38.28 -13.49 11.70
CA PRO A 444 36.82 -13.50 11.94
C PRO A 444 36.02 -13.42 10.65
N ASP A 445 34.81 -13.99 10.69
CA ASP A 445 33.86 -13.92 9.58
C ASP A 445 33.09 -12.62 9.70
N GLU A 446 33.55 -11.58 8.99
CA GLU A 446 32.91 -10.27 9.10
C GLU A 446 31.58 -10.23 8.35
N SER A 447 31.52 -10.81 7.15
CA SER A 447 30.29 -10.76 6.36
C SER A 447 29.16 -11.52 7.04
N GLY A 448 29.45 -12.73 7.55
CA GLY A 448 28.41 -13.51 8.19
C GLY A 448 27.88 -12.85 9.45
N VAL A 449 28.78 -12.30 10.27
CA VAL A 449 28.36 -11.62 11.48
C VAL A 449 27.54 -10.38 11.14
N SER A 450 27.97 -9.63 10.12
CA SER A 450 27.20 -8.45 9.70
C SER A 450 25.81 -8.84 9.23
N LYS A 451 25.70 -9.92 8.45
CA LYS A 451 24.40 -10.40 8.01
C LYS A 451 23.54 -10.81 9.19
N GLN A 452 24.13 -11.49 10.17
CA GLN A 452 23.38 -11.87 11.36
C GLN A 452 22.89 -10.65 12.13
N ILE A 453 23.73 -9.62 12.23
CA ILE A 453 23.32 -8.40 12.93
C ILE A 453 22.17 -7.71 12.20
N LEU A 454 22.24 -7.66 10.88
CA LEU A 454 21.15 -7.05 10.11
C LEU A 454 19.86 -7.84 10.27
N ASN A 455 19.95 -9.17 10.24
CA ASN A 455 18.77 -10.01 10.45
C ASN A 455 18.20 -9.80 11.85
N ASP A 456 19.07 -9.67 12.85
CA ASP A 456 18.61 -9.47 14.21
C ASP A 456 17.93 -8.12 14.38
N PHE A 457 18.47 -7.10 13.72
CA PHE A 457 17.83 -5.78 13.72
C PHE A 457 16.45 -5.85 13.10
N ASN A 458 16.33 -6.53 11.96
CA ASN A 458 15.04 -6.60 11.26
C ASN A 458 14.01 -7.42 12.04
N ARG A 459 14.44 -8.52 12.64
CA ARG A 459 13.51 -9.45 13.27
C ARG A 459 13.13 -9.06 14.69
N GLY A 460 13.70 -7.98 15.24
CA GLY A 460 13.29 -7.48 16.53
C GLY A 460 14.04 -8.00 17.72
N LYS A 461 15.13 -8.74 17.53
CA LYS A 461 15.93 -9.15 18.67
C LYS A 461 16.60 -7.95 19.34
N ILE A 462 17.03 -6.99 18.54
CA ILE A 462 17.63 -5.75 19.06
C ILE A 462 16.50 -4.71 19.14
N PRO A 463 16.17 -4.21 20.33
CA PRO A 463 15.06 -3.25 20.43
C PRO A 463 15.44 -1.88 19.87
N TRP A 464 14.55 -1.32 19.06
CA TRP A 464 14.74 0.00 18.48
C TRP A 464 13.37 0.53 18.07
N PHE A 465 13.30 1.86 17.92
CA PHE A 465 12.08 2.50 17.45
C PHE A 465 12.41 3.93 17.04
N VAL A 466 11.48 4.54 16.31
CA VAL A 466 11.60 5.92 15.86
C VAL A 466 10.71 6.79 16.73
N LEU A 467 11.25 7.91 17.21
CA LEU A 467 10.51 8.78 18.11
C LEU A 467 9.29 9.37 17.39
N PRO A 468 8.13 9.42 18.04
CA PRO A 468 6.95 10.01 17.40
C PRO A 468 7.01 11.52 17.42
N PRO A 469 6.34 12.18 16.46
CA PRO A 469 6.39 13.65 16.41
C PRO A 469 5.75 14.29 17.64
N GLU A 470 6.28 15.45 18.00
CA GLU A 470 5.78 16.18 19.17
C GLU A 470 4.45 16.86 18.87
#